data_4C3S
#
_entry.id   4C3S
#
_cell.length_a   138.488
_cell.length_b   138.488
_cell.length_c   84.610
_cell.angle_alpha   90.00
_cell.angle_beta   90.00
_cell.angle_gamma   90.00
#
_symmetry.space_group_name_H-M   'I 41 2 2'
#
loop_
_entity.id
_entity.type
_entity.pdbx_description
1 polymer 'ALDEHYDE DEHYDROGENASE'
2 non-polymer 'SULFATE ION'
3 non-polymer NICOTINAMIDE-ADENINE-DINUCLEOTIDE
4 water water
#
_entity_poly.entity_id   1
_entity_poly.type   'polypeptide(L)'
_entity_poly.pdbx_seq_one_letter_code
;MGQLTQTNKTELGVFDDMNQAIEAAKEAQLVVKKMSMDQREKIISAIRKKTIEHAETLARMAVEETGMGNVGHKILKHQL
VAEKTPGTEDITTTAWSGDRGLTLVEMGPFGVIGAITPCTNPSETIICNTIGMLAGGNTVVFNPHPAAIKTSNFAVQLIN
EASLSAGGPVNIACSVRKPTLDSSKIMMSHQDIPLIAATGGPGVVTAVLQSGKRGIGAGAGNPPVLVDETADIRKAAEDI
INGCTFDNNLPCIAEKEVVAIDAIANELMNYMVKEQGCYAITKEQQEKLTNLVITPKGLNRNCVGKDARTLLGMIGIDVP
SNIRCIIFEGEKEHPLISEELMMPILGIVRAKSFDDAVEKAVWLEHGNRHSAHIHSKNVDRITTYAKAIDTAILVKNAPS
YAAIGFGGEGFCTFTIASRTGEGLTSASTFTKRRRCVMSDSLCIR
;
_entity_poly.pdbx_strand_id   A
#
loop_
_chem_comp.id
_chem_comp.type
_chem_comp.name
_chem_comp.formula
NAD non-polymer NICOTINAMIDE-ADENINE-DINUCLEOTIDE 'C21 H27 N7 O14 P2'
SO4 non-polymer 'SULFATE ION' 'O4 S -2'
#
# COMPACT_ATOMS: atom_id res chain seq x y z
N GLU A 11 -12.72 24.40 1.69
CA GLU A 11 -12.80 22.96 1.98
C GLU A 11 -12.17 22.59 3.34
N LEU A 12 -12.91 21.82 4.13
CA LEU A 12 -12.55 21.48 5.51
C LEU A 12 -11.22 20.75 5.56
N GLY A 13 -10.34 21.21 6.46
CA GLY A 13 -9.02 20.63 6.58
C GLY A 13 -8.04 21.04 5.48
N VAL A 14 -8.51 21.80 4.49
CA VAL A 14 -7.67 22.16 3.34
C VAL A 14 -7.34 23.63 3.37
N PHE A 15 -6.06 23.92 3.13
CA PHE A 15 -5.54 25.27 3.26
C PHE A 15 -4.80 25.74 2.02
N ASP A 16 -4.65 27.05 1.92
CA ASP A 16 -4.10 27.68 0.74
C ASP A 16 -2.60 27.50 0.66
N ASP A 17 -1.97 27.26 1.80
CA ASP A 17 -0.55 27.01 1.78
C ASP A 17 -0.14 26.09 2.92
N MET A 18 1.04 25.55 2.78
CA MET A 18 1.50 24.46 3.66
C MET A 18 1.78 24.95 5.09
N ASN A 19 2.17 26.20 5.27
CA ASN A 19 2.41 26.68 6.62
C ASN A 19 1.10 26.77 7.40
N GLN A 20 0.05 27.25 6.75
CA GLN A 20 -1.28 27.30 7.37
C GLN A 20 -1.76 25.90 7.77
N ALA A 21 -1.57 24.93 6.87
CA ALA A 21 -2.00 23.56 7.12
C ALA A 21 -1.30 23.00 8.36
N ILE A 22 0.00 23.19 8.45
CA ILE A 22 0.80 22.67 9.56
C ILE A 22 0.41 23.39 10.86
N GLU A 23 0.21 24.70 10.81
CA GLU A 23 -0.20 25.42 12.02
C GLU A 23 -1.53 24.90 12.53
N ALA A 24 -2.46 24.64 11.62
CA ALA A 24 -3.77 24.15 12.00
C ALA A 24 -3.66 22.76 12.63
N ALA A 25 -2.87 21.90 12.00
CA ALA A 25 -2.64 20.56 12.55
C ALA A 25 -1.99 20.60 13.93
N LYS A 26 -1.08 21.54 14.12
CA LYS A 26 -0.34 21.65 15.38
C LYS A 26 -1.32 22.02 16.50
N GLU A 27 -2.22 22.98 16.24
CA GLU A 27 -3.26 23.32 17.22
C GLU A 27 -4.11 22.12 17.58
N ALA A 28 -4.56 21.38 16.56
CA ALA A 28 -5.46 20.28 16.82
C ALA A 28 -4.74 19.23 17.65
N GLN A 29 -3.45 19.03 17.40
CA GLN A 29 -2.73 17.96 18.07
C GLN A 29 -2.57 18.21 19.58
N LEU A 30 -2.58 19.48 20.02
CA LEU A 30 -2.55 19.78 21.45
C LEU A 30 -3.78 19.25 22.17
N VAL A 31 -4.89 19.14 21.44
CA VAL A 31 -6.09 18.50 21.97
C VAL A 31 -6.05 16.98 21.81
N VAL A 32 -5.70 16.48 20.61
CA VAL A 32 -5.70 15.04 20.38
C VAL A 32 -4.79 14.30 21.40
N LYS A 33 -3.66 14.90 21.72
CA LYS A 33 -2.71 14.23 22.61
C LYS A 33 -3.28 14.04 24.02
N LYS A 34 -4.26 14.86 24.40
CA LYS A 34 -4.90 14.72 25.71
C LYS A 34 -6.26 13.99 25.67
N MET A 35 -6.72 13.62 24.48
CA MET A 35 -7.96 12.87 24.36
C MET A 35 -7.78 11.46 24.91
N SER A 36 -8.83 10.93 25.52
CA SER A 36 -8.84 9.54 25.95
C SER A 36 -8.79 8.64 24.73
N MET A 37 -8.48 7.37 24.94
CA MET A 37 -8.56 6.39 23.87
C MET A 37 -9.99 6.27 23.42
N ASP A 38 -10.92 6.32 24.36
CA ASP A 38 -12.33 6.23 24.02
CA ASP A 38 -12.34 6.25 24.05
C ASP A 38 -12.75 7.41 23.13
N GLN A 39 -12.20 8.59 23.40
CA GLN A 39 -12.51 9.79 22.57
C GLN A 39 -11.92 9.68 21.16
N ARG A 40 -10.65 9.29 21.05
CA ARG A 40 -10.05 9.04 19.72
C ARG A 40 -10.82 7.98 18.96
N GLU A 41 -11.19 6.93 19.68
CA GLU A 41 -11.87 5.80 19.07
C GLU A 41 -13.26 6.19 18.59
N LYS A 42 -13.93 7.14 19.27
CA LYS A 42 -15.21 7.61 18.76
C LYS A 42 -15.02 8.32 17.40
N ILE A 43 -13.94 9.08 17.26
CA ILE A 43 -13.65 9.78 16.01
C ILE A 43 -13.27 8.76 14.94
N ILE A 44 -12.42 7.80 15.31
CA ILE A 44 -12.00 6.76 14.38
C ILE A 44 -13.21 5.99 13.89
N SER A 45 -14.14 5.68 14.79
CA SER A 45 -15.34 4.95 14.43
CA SER A 45 -15.32 4.94 14.41
C SER A 45 -16.14 5.74 13.42
N ALA A 46 -16.24 7.05 13.63
CA ALA A 46 -16.99 7.87 12.68
C ALA A 46 -16.28 7.90 11.32
N ILE A 47 -14.94 7.96 11.31
CA ILE A 47 -14.19 7.92 10.05
C ILE A 47 -14.47 6.60 9.32
N ARG A 48 -14.46 5.49 10.05
CA ARG A 48 -14.70 4.19 9.41
C ARG A 48 -16.08 4.18 8.76
N LYS A 49 -17.07 4.64 9.53
CA LYS A 49 -18.44 4.68 9.05
C LYS A 49 -18.59 5.52 7.79
N LYS A 50 -18.01 6.72 7.79
CA LYS A 50 -18.18 7.60 6.64
CA LYS A 50 -18.10 7.66 6.66
C LYS A 50 -17.38 7.10 5.44
N THR A 51 -16.28 6.39 5.69
CA THR A 51 -15.52 5.78 4.60
C THR A 51 -16.38 4.73 3.89
N ILE A 52 -17.06 3.88 4.65
CA ILE A 52 -17.97 2.91 4.05
C ILE A 52 -19.12 3.62 3.32
N GLU A 53 -19.72 4.61 3.98
CA GLU A 53 -20.85 5.36 3.40
C GLU A 53 -20.51 6.07 2.09
N HIS A 54 -19.26 6.52 1.94
CA HIS A 54 -18.83 7.26 0.74
C HIS A 54 -17.81 6.50 -0.09
N ALA A 55 -17.75 5.19 0.07
CA ALA A 55 -16.79 4.37 -0.64
C ALA A 55 -17.02 4.44 -2.15
N GLU A 56 -18.30 4.45 -2.57
CA GLU A 56 -18.62 4.48 -3.99
C GLU A 56 -18.16 5.80 -4.60
N THR A 57 -18.44 6.89 -3.90
CA THR A 57 -18.04 8.21 -4.34
C THR A 57 -16.50 8.32 -4.41
N LEU A 58 -15.80 7.86 -3.39
CA LEU A 58 -14.33 7.94 -3.42
C LEU A 58 -13.73 7.10 -4.56
N ALA A 59 -14.29 5.91 -4.77
CA ALA A 59 -13.82 5.02 -5.82
C ALA A 59 -14.04 5.63 -7.20
N ARG A 60 -15.24 6.16 -7.46
CA ARG A 60 -15.46 6.70 -8.78
C ARG A 60 -14.68 8.02 -8.99
N MET A 61 -14.49 8.82 -7.94
CA MET A 61 -13.72 10.04 -8.07
C MET A 61 -12.28 9.75 -8.48
N ALA A 62 -11.69 8.74 -7.87
CA ALA A 62 -10.30 8.40 -8.19
C ALA A 62 -10.16 7.93 -9.62
N VAL A 63 -11.07 7.07 -10.08
CA VAL A 63 -10.97 6.57 -11.46
C VAL A 63 -11.21 7.74 -12.45
N GLU A 64 -12.14 8.62 -12.13
CA GLU A 64 -12.44 9.77 -12.99
C GLU A 64 -11.23 10.73 -13.05
N GLU A 65 -10.62 10.99 -11.91
CA GLU A 65 -9.57 12.00 -11.85
C GLU A 65 -8.24 11.49 -12.45
N THR A 66 -7.87 10.25 -12.12
CA THR A 66 -6.56 9.73 -12.50
C THR A 66 -6.60 8.93 -13.78
N GLY A 67 -7.78 8.42 -14.12
CA GLY A 67 -7.94 7.50 -15.23
C GLY A 67 -7.44 6.10 -14.95
N MET A 68 -7.05 5.85 -13.70
CA MET A 68 -6.43 4.58 -13.32
C MET A 68 -7.35 3.74 -12.43
N GLY A 69 -7.31 2.42 -12.61
CA GLY A 69 -7.92 1.50 -11.68
C GLY A 69 -9.37 1.26 -12.07
N ASN A 70 -10.12 0.64 -11.17
CA ASN A 70 -11.54 0.47 -11.42
C ASN A 70 -12.38 0.58 -10.18
N VAL A 71 -13.61 1.05 -10.40
CA VAL A 71 -14.47 1.45 -9.31
C VAL A 71 -14.79 0.35 -8.34
N GLY A 72 -15.18 -0.81 -8.86
CA GLY A 72 -15.59 -1.89 -7.96
C GLY A 72 -14.51 -2.33 -7.03
N HIS A 73 -13.28 -2.44 -7.53
CA HIS A 73 -12.17 -2.84 -6.69
C HIS A 73 -11.81 -1.74 -5.70
N LYS A 74 -11.91 -0.49 -6.11
CA LYS A 74 -11.61 0.59 -5.18
C LYS A 74 -12.65 0.63 -4.07
N ILE A 75 -13.89 0.26 -4.35
CA ILE A 75 -14.87 0.21 -3.27
C ILE A 75 -14.42 -0.82 -2.22
N LEU A 76 -13.99 -1.98 -2.69
CA LEU A 76 -13.52 -3.03 -1.77
C LEU A 76 -12.30 -2.54 -0.99
N LYS A 77 -11.40 -1.80 -1.62
CA LYS A 77 -10.24 -1.30 -0.88
C LYS A 77 -10.63 -0.35 0.24
N HIS A 78 -11.62 0.50 0.01
CA HIS A 78 -12.05 1.42 1.05
C HIS A 78 -12.78 0.70 2.17
N GLN A 79 -13.54 -0.33 1.82
CA GLN A 79 -14.19 -1.15 2.85
C GLN A 79 -13.15 -1.87 3.71
N LEU A 80 -12.07 -2.33 3.08
CA LEU A 80 -10.96 -2.96 3.79
C LEU A 80 -10.28 -1.98 4.74
N VAL A 81 -10.03 -0.76 4.26
CA VAL A 81 -9.43 0.27 5.13
C VAL A 81 -10.29 0.51 6.35
N ALA A 82 -11.59 0.70 6.11
CA ALA A 82 -12.53 0.94 7.20
C ALA A 82 -12.60 -0.21 8.20
N GLU A 83 -12.62 -1.44 7.70
CA GLU A 83 -12.79 -2.59 8.57
CA GLU A 83 -12.78 -2.61 8.55
C GLU A 83 -11.51 -3.01 9.30
N LYS A 84 -10.38 -2.95 8.62
CA LYS A 84 -9.20 -3.61 9.15
C LYS A 84 -7.98 -2.74 9.43
N THR A 85 -8.09 -1.43 9.28
CA THR A 85 -7.01 -0.58 9.76
C THR A 85 -7.04 -0.54 11.30
N PRO A 86 -5.90 -0.80 11.95
CA PRO A 86 -5.98 -0.78 13.43
C PRO A 86 -6.27 0.60 14.01
N GLY A 87 -7.04 0.60 15.11
CA GLY A 87 -7.27 1.81 15.87
C GLY A 87 -6.51 1.84 17.17
N THR A 88 -7.13 2.32 18.24
CA THR A 88 -6.41 2.58 19.48
C THR A 88 -5.96 1.28 20.16
N GLU A 89 -6.55 0.15 19.79
CA GLU A 89 -6.12 -1.15 20.31
C GLU A 89 -4.69 -1.49 19.91
N ASP A 90 -4.19 -0.80 18.89
CA ASP A 90 -2.84 -0.99 18.41
C ASP A 90 -1.78 -0.32 19.28
N ILE A 91 -2.24 0.53 20.18
CA ILE A 91 -1.36 1.25 21.09
C ILE A 91 -1.32 0.44 22.36
N THR A 92 -0.14 -0.09 22.65
CA THR A 92 0.03 -1.03 23.72
C THR A 92 1.17 -0.65 24.66
N THR A 93 1.19 -1.31 25.82
CA THR A 93 2.07 -0.98 26.92
C THR A 93 2.77 -2.27 27.37
N THR A 94 4.06 -2.19 27.74
CA THR A 94 4.70 -3.31 28.41
C THR A 94 5.03 -2.96 29.84
N ALA A 95 5.13 -3.99 30.68
CA ALA A 95 5.50 -3.83 32.08
C ALA A 95 6.45 -4.93 32.50
N TRP A 96 7.49 -4.51 33.20
CA TRP A 96 8.42 -5.41 33.91
C TRP A 96 8.41 -5.04 35.38
N SER A 97 8.28 -6.02 36.28
CA SER A 97 8.21 -5.68 37.68
C SER A 97 8.93 -6.69 38.57
N GLY A 98 9.43 -6.20 39.70
CA GLY A 98 10.10 -7.00 40.72
C GLY A 98 10.47 -6.14 41.91
N ASP A 99 11.41 -6.64 42.72
CA ASP A 99 11.85 -5.95 43.90
C ASP A 99 12.32 -4.52 43.61
N ARG A 100 12.89 -4.31 42.43
CA ARG A 100 13.35 -2.95 42.05
C ARG A 100 12.25 -2.06 41.49
N GLY A 101 11.01 -2.55 41.52
CA GLY A 101 9.86 -1.74 41.20
C GLY A 101 9.14 -2.15 39.93
N LEU A 102 8.66 -1.15 39.20
CA LEU A 102 7.81 -1.30 38.04
C LEU A 102 8.36 -0.45 36.93
N THR A 103 8.64 -1.06 35.78
CA THR A 103 9.04 -0.29 34.61
C THR A 103 8.05 -0.49 33.48
N LEU A 104 7.50 0.62 32.99
CA LEU A 104 6.60 0.59 31.85
C LEU A 104 7.28 1.09 30.62
N VAL A 105 6.84 0.61 29.47
CA VAL A 105 7.21 1.24 28.19
C VAL A 105 5.91 1.57 27.47
N GLU A 106 5.76 2.84 27.14
CA GLU A 106 4.57 3.35 26.47
C GLU A 106 4.89 3.90 25.10
N MET A 107 3.85 4.05 24.27
CA MET A 107 3.93 4.58 22.95
C MET A 107 3.31 5.98 22.97
N GLY A 108 4.15 7.01 22.97
CA GLY A 108 3.67 8.37 22.96
C GLY A 108 3.64 9.02 21.58
N PRO A 109 2.94 10.15 21.47
CA PRO A 109 2.84 10.76 20.15
C PRO A 109 4.16 11.34 19.66
N PHE A 110 4.34 11.38 18.35
CA PHE A 110 5.34 12.26 17.76
C PHE A 110 4.93 13.72 17.73
N GLY A 111 3.69 13.98 17.31
CA GLY A 111 3.19 15.33 17.17
C GLY A 111 2.44 15.48 15.86
N VAL A 112 2.86 16.42 15.02
CA VAL A 112 2.31 16.62 13.68
C VAL A 112 3.17 15.82 12.70
N ILE A 113 2.56 14.84 12.05
CA ILE A 113 3.24 14.01 11.07
C ILE A 113 2.94 14.51 9.65
N GLY A 114 3.97 14.60 8.82
CA GLY A 114 3.79 14.90 7.41
C GLY A 114 3.62 13.61 6.64
N ALA A 115 2.83 13.64 5.57
CA ALA A 115 2.61 12.46 4.76
C ALA A 115 2.52 12.84 3.29
N ILE A 116 3.22 12.08 2.45
CA ILE A 116 3.23 12.29 1.01
C ILE A 116 2.67 11.04 0.36
N THR A 117 1.60 11.21 -0.42
CA THR A 117 0.72 10.09 -0.76
C THR A 117 0.61 9.93 -2.28
N PRO A 118 0.22 8.73 -2.73
CA PRO A 118 0.28 8.39 -4.16
C PRO A 118 -0.98 8.70 -4.96
N CYS A 119 -0.91 8.54 -6.27
CA CYS A 119 -2.08 8.72 -7.14
C CYS A 119 -2.79 7.39 -7.40
N THR A 120 -2.21 6.29 -6.94
CA THR A 120 -2.75 4.93 -7.16
C THR A 120 -3.83 4.61 -6.14
N ASN A 121 -3.50 4.84 -4.88
CA ASN A 121 -4.43 4.67 -3.76
C ASN A 121 -4.56 5.95 -2.94
N PRO A 122 -5.03 7.03 -3.57
CA PRO A 122 -4.97 8.32 -2.88
C PRO A 122 -5.74 8.37 -1.58
N SER A 123 -7.04 8.15 -1.67
CA SER A 123 -7.86 8.27 -0.48
C SER A 123 -7.64 7.09 0.48
N GLU A 124 -7.37 5.90 -0.03
CA GLU A 124 -7.05 4.77 0.84
C GLU A 124 -5.88 5.10 1.74
N THR A 125 -4.83 5.68 1.17
CA THR A 125 -3.62 5.95 1.95
C THR A 125 -3.90 7.04 2.99
N ILE A 126 -4.63 8.07 2.59
CA ILE A 126 -4.93 9.18 3.48
C ILE A 126 -5.79 8.74 4.67
N ILE A 127 -6.83 7.94 4.41
CA ILE A 127 -7.70 7.51 5.49
C ILE A 127 -6.96 6.51 6.39
N CYS A 128 -6.23 5.55 5.82
CA CYS A 128 -5.51 4.57 6.62
C CYS A 128 -4.45 5.26 7.49
N ASN A 129 -3.69 6.16 6.89
CA ASN A 129 -2.66 6.89 7.62
C ASN A 129 -3.29 7.67 8.80
N THR A 130 -4.39 8.35 8.50
CA THR A 130 -5.04 9.20 9.48
C THR A 130 -5.57 8.41 10.69
N ILE A 131 -6.27 7.31 10.42
CA ILE A 131 -6.76 6.45 11.50
C ILE A 131 -5.60 6.04 12.40
N GLY A 132 -4.53 5.49 11.83
CA GLY A 132 -3.38 5.11 12.63
C GLY A 132 -2.71 6.26 13.39
N MET A 133 -2.53 7.38 12.74
CA MET A 133 -1.81 8.47 13.36
C MET A 133 -2.63 9.11 14.49
N LEU A 134 -3.92 9.26 14.26
CA LEU A 134 -4.83 9.76 15.28
C LEU A 134 -4.86 8.85 16.52
N ALA A 135 -4.93 7.53 16.30
CA ALA A 135 -4.93 6.59 17.42
C ALA A 135 -3.77 6.79 18.39
N GLY A 136 -2.61 7.15 17.87
CA GLY A 136 -1.45 7.39 18.69
C GLY A 136 -1.28 8.80 19.23
N GLY A 137 -2.29 9.67 19.03
CA GLY A 137 -2.22 11.02 19.56
C GLY A 137 -1.58 12.08 18.67
N ASN A 138 -1.37 11.73 17.41
CA ASN A 138 -0.84 12.63 16.40
C ASN A 138 -1.93 13.29 15.55
N THR A 139 -1.53 14.34 14.84
CA THR A 139 -2.30 14.79 13.69
C THR A 139 -1.43 14.66 12.48
N VAL A 140 -2.03 14.89 11.31
CA VAL A 140 -1.33 14.68 10.04
C VAL A 140 -1.62 15.76 9.02
N VAL A 141 -0.57 16.11 8.28
CA VAL A 141 -0.67 17.04 7.15
C VAL A 141 -0.19 16.34 5.89
N PHE A 142 -1.04 16.36 4.87
CA PHE A 142 -0.76 15.72 3.58
C PHE A 142 -0.29 16.69 2.51
N ASN A 143 0.65 16.20 1.68
CA ASN A 143 0.99 16.77 0.38
C ASN A 143 0.58 15.75 -0.65
N PRO A 144 -0.67 15.80 -1.10
CA PRO A 144 -1.08 14.73 -2.01
C PRO A 144 -0.43 14.78 -3.38
N HIS A 145 -0.53 13.67 -4.10
CA HIS A 145 -0.10 13.60 -5.49
C HIS A 145 -0.95 14.57 -6.32
N PRO A 146 -0.30 15.45 -7.09
CA PRO A 146 -1.10 16.47 -7.80
C PRO A 146 -2.13 15.92 -8.80
N ALA A 147 -1.91 14.72 -9.30
CA ALA A 147 -2.86 14.08 -10.22
C ALA A 147 -4.11 13.52 -9.53
N ALA A 148 -4.11 13.45 -8.20
CA ALA A 148 -5.21 12.92 -7.41
C ALA A 148 -5.66 13.89 -6.33
N ILE A 149 -5.45 15.18 -6.56
CA ILE A 149 -5.64 16.16 -5.52
C ILE A 149 -7.11 16.26 -5.13
N LYS A 150 -8.03 16.20 -6.08
CA LYS A 150 -9.45 16.32 -5.74
C LYS A 150 -9.91 15.12 -4.90
N THR A 151 -9.50 13.92 -5.29
CA THR A 151 -9.89 12.73 -4.56
C THR A 151 -9.26 12.79 -3.16
N SER A 152 -7.99 13.18 -3.12
CA SER A 152 -7.26 13.23 -1.84
C SER A 152 -7.90 14.22 -0.87
N ASN A 153 -8.24 15.40 -1.36
CA ASN A 153 -8.77 16.42 -0.47
C ASN A 153 -10.22 16.13 -0.08
N PHE A 154 -10.94 15.39 -0.93
CA PHE A 154 -12.29 14.95 -0.58
C PHE A 154 -12.20 14.02 0.64
N ALA A 155 -11.20 13.16 0.65
CA ALA A 155 -11.01 12.26 1.78
C ALA A 155 -10.66 13.06 3.06
N VAL A 156 -9.83 14.08 2.93
CA VAL A 156 -9.47 14.96 4.05
C VAL A 156 -10.72 15.65 4.56
N GLN A 157 -11.52 16.16 3.63
CA GLN A 157 -12.79 16.78 3.97
C GLN A 157 -13.68 15.79 4.76
N LEU A 158 -13.79 14.55 4.29
CA LEU A 158 -14.60 13.49 4.96
C LEU A 158 -14.11 13.22 6.38
N ILE A 159 -12.82 13.09 6.55
CA ILE A 159 -12.22 12.89 7.86
C ILE A 159 -12.60 14.01 8.83
N ASN A 160 -12.51 15.25 8.38
CA ASN A 160 -12.83 16.37 9.24
C ASN A 160 -14.33 16.42 9.54
N GLU A 161 -15.17 16.07 8.58
CA GLU A 161 -16.62 15.96 8.81
C GLU A 161 -16.88 14.90 9.87
N ALA A 162 -16.20 13.76 9.76
CA ALA A 162 -16.39 12.67 10.71
C ALA A 162 -16.01 13.14 12.10
N SER A 163 -14.89 13.85 12.21
CA SER A 163 -14.47 14.37 13.52
C SER A 163 -15.47 15.38 14.12
N LEU A 164 -15.94 16.30 13.29
CA LEU A 164 -16.98 17.24 13.73
C LEU A 164 -18.21 16.51 14.24
N SER A 165 -18.61 15.44 13.56
CA SER A 165 -19.78 14.67 13.95
C SER A 165 -19.57 13.96 15.28
N ALA A 166 -18.31 13.80 15.66
CA ALA A 166 -17.95 13.19 16.92
C ALA A 166 -17.63 14.25 17.97
N GLY A 167 -17.69 15.53 17.60
CA GLY A 167 -17.54 16.61 18.58
C GLY A 167 -16.17 17.31 18.52
N GLY A 168 -15.42 17.02 17.46
CA GLY A 168 -14.18 17.71 17.22
C GLY A 168 -13.01 16.94 17.76
N PRO A 169 -11.81 17.52 17.59
CA PRO A 169 -11.61 18.83 16.97
C PRO A 169 -11.62 18.78 15.44
N VAL A 170 -11.69 19.96 14.83
CA VAL A 170 -11.40 20.11 13.41
C VAL A 170 -9.87 20.10 13.20
N ASN A 171 -9.46 19.75 11.97
CA ASN A 171 -8.06 19.81 11.50
C ASN A 171 -7.15 18.71 12.06
N ILE A 172 -7.71 17.55 12.34
CA ILE A 172 -6.91 16.38 12.69
CA ILE A 172 -6.90 16.39 12.69
C ILE A 172 -6.11 15.91 11.47
N ALA A 173 -6.69 16.10 10.30
CA ALA A 173 -6.03 15.82 9.03
C ALA A 173 -6.12 17.10 8.22
N CYS A 174 -4.97 17.58 7.74
CA CYS A 174 -4.95 18.80 6.94
C CYS A 174 -4.26 18.58 5.60
N SER A 175 -4.52 19.45 4.65
CA SER A 175 -3.92 19.33 3.34
C SER A 175 -3.86 20.70 2.69
N VAL A 176 -3.37 20.73 1.46
CA VAL A 176 -3.30 21.96 0.69
C VAL A 176 -4.07 21.84 -0.59
N ARG A 177 -4.62 22.99 -0.99
CA ARG A 177 -5.40 23.11 -2.21
C ARG A 177 -4.64 22.65 -3.44
N LYS A 178 -3.37 23.03 -3.52
CA LYS A 178 -2.54 22.76 -4.68
C LYS A 178 -1.15 22.28 -4.27
N PRO A 179 -0.92 20.97 -4.31
CA PRO A 179 0.39 20.48 -3.86
C PRO A 179 1.43 20.66 -4.93
N THR A 180 2.62 21.08 -4.53
CA THR A 180 3.73 21.27 -5.43
C THR A 180 4.98 20.68 -4.81
N LEU A 181 6.09 20.72 -5.53
CA LEU A 181 7.35 20.34 -4.94
C LEU A 181 7.78 21.43 -3.96
N ASP A 182 7.29 22.65 -4.15
CA ASP A 182 7.53 23.74 -3.21
C ASP A 182 6.82 23.50 -1.87
N SER A 183 5.55 23.11 -1.92
CA SER A 183 4.84 22.84 -0.66
C SER A 183 5.44 21.60 0.00
N SER A 184 5.96 20.67 -0.78
CA SER A 184 6.59 19.49 -0.19
C SER A 184 7.91 19.88 0.48
N LYS A 185 8.61 20.86 -0.07
CA LYS A 185 9.85 21.29 0.53
C LYS A 185 9.61 22.08 1.83
N ILE A 186 8.52 22.83 1.89
CA ILE A 186 8.11 23.46 3.14
C ILE A 186 7.84 22.42 4.24
N MET A 187 7.16 21.34 3.86
CA MET A 187 6.91 20.24 4.82
C MET A 187 8.22 19.61 5.29
N MET A 188 9.14 19.34 4.38
CA MET A 188 10.35 18.60 4.72
C MET A 188 11.39 19.42 5.48
N SER A 189 11.21 20.73 5.56
CA SER A 189 12.14 21.57 6.33
C SER A 189 11.45 22.22 7.54
N HIS A 190 10.19 21.86 7.79
CA HIS A 190 9.43 22.51 8.84
C HIS A 190 9.80 22.01 10.21
N GLN A 191 10.11 22.90 11.14
CA GLN A 191 10.60 22.43 12.42
C GLN A 191 9.51 21.82 13.31
N ASP A 192 8.24 22.00 12.95
CA ASP A 192 7.15 21.42 13.73
C ASP A 192 6.76 20.01 13.25
N ILE A 193 7.53 19.45 12.31
CA ILE A 193 7.26 18.13 11.73
C ILE A 193 8.44 17.18 12.02
N PRO A 194 8.30 16.28 13.02
CA PRO A 194 9.45 15.44 13.33
C PRO A 194 9.53 14.15 12.55
N LEU A 195 8.47 13.85 11.79
CA LEU A 195 8.34 12.57 11.11
C LEU A 195 7.57 12.79 9.82
N ILE A 196 8.06 12.21 8.73
CA ILE A 196 7.31 12.18 7.46
C ILE A 196 7.16 10.74 6.97
N ALA A 197 5.94 10.39 6.60
CA ALA A 197 5.62 9.09 5.99
C ALA A 197 5.44 9.26 4.50
N ALA A 198 6.38 8.73 3.73
CA ALA A 198 6.33 8.82 2.28
C ALA A 198 5.85 7.51 1.66
N THR A 199 4.74 7.57 0.94
CA THR A 199 4.19 6.44 0.23
C THR A 199 4.25 6.67 -1.28
N GLY A 200 5.12 5.94 -1.98
CA GLY A 200 5.38 6.21 -3.38
C GLY A 200 6.56 5.46 -3.96
N GLY A 201 7.24 6.06 -4.93
CA GLY A 201 8.38 5.44 -5.56
C GLY A 201 9.72 5.85 -4.94
N PRO A 202 10.82 5.47 -5.59
CA PRO A 202 12.17 5.69 -5.03
C PRO A 202 12.51 7.17 -4.83
N GLY A 203 11.99 8.03 -5.70
CA GLY A 203 12.27 9.45 -5.61
C GLY A 203 11.82 10.12 -4.32
N VAL A 204 10.56 9.90 -3.96
CA VAL A 204 10.00 10.53 -2.77
C VAL A 204 10.62 9.90 -1.52
N VAL A 205 10.88 8.60 -1.53
CA VAL A 205 11.52 7.95 -0.38
C VAL A 205 12.90 8.57 -0.15
N THR A 206 13.68 8.72 -1.21
CA THR A 206 14.99 9.32 -1.04
C THR A 206 14.90 10.74 -0.51
N ALA A 207 13.93 11.51 -1.01
CA ALA A 207 13.81 12.90 -0.63
C ALA A 207 13.56 13.05 0.89
N VAL A 208 12.72 12.18 1.43
CA VAL A 208 12.39 12.30 2.84
CA VAL A 208 12.36 12.26 2.83
C VAL A 208 13.53 11.80 3.70
N LEU A 209 14.29 10.83 3.21
CA LEU A 209 15.44 10.35 3.96
C LEU A 209 16.63 11.32 3.87
N GLN A 210 16.47 12.42 3.14
CA GLN A 210 17.46 13.51 3.14
C GLN A 210 16.97 14.76 3.90
N SER A 211 15.81 14.65 4.53
CA SER A 211 15.11 15.82 5.05
C SER A 211 15.58 16.36 6.40
N GLY A 212 16.33 15.58 7.16
CA GLY A 212 16.76 15.98 8.49
C GLY A 212 15.79 15.55 9.58
N LYS A 213 14.74 14.84 9.15
CA LYS A 213 13.71 14.29 10.01
C LYS A 213 13.70 12.76 9.82
N ARG A 214 13.07 12.07 10.73
CA ARG A 214 12.85 10.66 10.51
C ARG A 214 11.88 10.48 9.37
N GLY A 215 12.23 9.59 8.46
CA GLY A 215 11.38 9.33 7.32
C GLY A 215 11.00 7.87 7.33
N ILE A 216 9.72 7.60 7.11
CA ILE A 216 9.24 6.24 6.92
C ILE A 216 9.08 6.08 5.41
N GLY A 217 9.80 5.14 4.84
CA GLY A 217 9.94 5.05 3.40
C GLY A 217 9.26 3.83 2.84
N ALA A 218 8.11 4.06 2.24
CA ALA A 218 7.32 3.02 1.63
C ALA A 218 7.46 3.14 0.12
N GLY A 219 8.36 2.32 -0.43
CA GLY A 219 8.82 2.47 -1.82
C GLY A 219 8.24 1.47 -2.81
N ALA A 220 8.93 1.32 -3.93
CA ALA A 220 8.44 0.50 -5.04
C ALA A 220 8.70 -1.01 -4.88
N GLY A 221 8.04 -1.78 -5.73
CA GLY A 221 8.23 -3.22 -5.77
C GLY A 221 8.22 -3.74 -7.21
N ASN A 222 8.31 -5.06 -7.34
CA ASN A 222 8.10 -5.74 -8.63
C ASN A 222 7.82 -7.20 -8.30
N PRO A 223 6.68 -7.47 -7.67
CA PRO A 223 6.53 -8.73 -6.93
C PRO A 223 6.45 -9.97 -7.83
N PRO A 224 7.40 -10.89 -7.69
CA PRO A 224 7.29 -12.15 -8.41
C PRO A 224 6.36 -13.13 -7.69
N VAL A 225 5.68 -13.99 -8.44
CA VAL A 225 5.01 -15.14 -7.85
C VAL A 225 5.59 -16.42 -8.45
N LEU A 226 6.12 -17.27 -7.57
CA LEU A 226 6.74 -18.53 -7.94
C LEU A 226 5.72 -19.64 -7.80
N VAL A 227 5.56 -20.48 -8.82
CA VAL A 227 4.65 -21.61 -8.76
C VAL A 227 5.49 -22.85 -8.97
N ASP A 228 5.55 -23.74 -7.98
CA ASP A 228 6.35 -24.96 -8.17
C ASP A 228 5.44 -26.16 -8.44
N GLU A 229 6.05 -27.32 -8.66
CA GLU A 229 5.30 -28.48 -9.11
C GLU A 229 4.44 -29.15 -8.05
N THR A 230 4.54 -28.67 -6.80
CA THR A 230 3.69 -29.20 -5.72
C THR A 230 2.44 -28.37 -5.47
N ALA A 231 2.30 -27.26 -6.18
CA ALA A 231 1.15 -26.38 -6.06
C ALA A 231 -0.14 -26.97 -6.59
N ASP A 232 -1.24 -26.41 -6.08
CA ASP A 232 -2.56 -26.61 -6.65
C ASP A 232 -2.61 -25.64 -7.85
N ILE A 233 -2.35 -26.19 -9.03
CA ILE A 233 -2.13 -25.35 -10.19
C ILE A 233 -3.41 -24.66 -10.65
N ARG A 234 -4.55 -25.36 -10.58
CA ARG A 234 -5.81 -24.72 -10.99
C ARG A 234 -6.11 -23.49 -10.12
N LYS A 235 -5.88 -23.64 -8.82
CA LYS A 235 -6.15 -22.56 -7.90
C LYS A 235 -5.10 -21.46 -8.00
N ALA A 236 -3.85 -21.85 -8.29
CA ALA A 236 -2.78 -20.87 -8.49
C ALA A 236 -3.13 -19.95 -9.64
N ALA A 237 -3.67 -20.52 -10.72
CA ALA A 237 -4.08 -19.68 -11.85
C ALA A 237 -5.13 -18.66 -11.42
N GLU A 238 -6.14 -19.12 -10.69
CA GLU A 238 -7.18 -18.24 -10.21
C GLU A 238 -6.66 -17.15 -9.27
N ASP A 239 -5.87 -17.55 -8.29
CA ASP A 239 -5.35 -16.61 -7.30
C ASP A 239 -4.46 -15.57 -7.95
N ILE A 240 -3.58 -16.00 -8.84
CA ILE A 240 -2.59 -15.09 -9.43
C ILE A 240 -3.27 -14.04 -10.31
N ILE A 241 -4.19 -14.48 -11.15
CA ILE A 241 -4.86 -13.51 -11.99
C ILE A 241 -5.77 -12.59 -11.16
N ASN A 242 -6.45 -13.14 -10.18
CA ASN A 242 -7.18 -12.29 -9.25
C ASN A 242 -6.29 -11.24 -8.60
N GLY A 243 -5.12 -11.64 -8.11
CA GLY A 243 -4.22 -10.69 -7.46
C GLY A 243 -3.60 -9.68 -8.41
N CYS A 244 -3.19 -10.16 -9.59
CA CYS A 244 -2.58 -9.28 -10.56
C CYS A 244 -3.53 -8.19 -11.04
N THR A 245 -4.75 -8.59 -11.34
CA THR A 245 -5.69 -7.68 -11.99
C THR A 245 -6.53 -6.83 -11.01
N PHE A 246 -6.34 -7.02 -9.71
CA PHE A 246 -7.06 -6.23 -8.73
C PHE A 246 -6.66 -4.77 -8.85
N ASP A 247 -7.68 -3.91 -8.95
CA ASP A 247 -7.53 -2.49 -9.27
C ASP A 247 -6.54 -2.27 -10.42
N ASN A 248 -6.62 -3.16 -11.41
CA ASN A 248 -5.87 -3.05 -12.65
C ASN A 248 -4.36 -3.00 -12.41
N ASN A 249 -3.92 -3.71 -11.38
CA ASN A 249 -2.50 -3.90 -11.04
C ASN A 249 -1.84 -2.66 -10.40
N LEU A 250 -2.61 -1.66 -10.02
CA LEU A 250 -2.08 -0.55 -9.24
C LEU A 250 -1.43 -0.91 -7.90
N PRO A 251 -1.97 -1.88 -7.15
CA PRO A 251 -1.37 -2.08 -5.81
C PRO A 251 0.11 -2.49 -5.85
N CYS A 252 0.89 -1.90 -4.94
CA CYS A 252 2.33 -2.13 -4.87
C CYS A 252 2.65 -3.61 -4.49
N ILE A 253 1.69 -4.26 -3.85
CA ILE A 253 1.83 -5.66 -3.47
C ILE A 253 1.49 -6.66 -4.57
N ALA A 254 0.82 -6.21 -5.62
CA ALA A 254 0.28 -7.15 -6.58
C ALA A 254 1.34 -7.90 -7.35
N GLU A 255 1.02 -9.15 -7.67
CA GLU A 255 1.78 -9.96 -8.60
C GLU A 255 2.02 -9.23 -9.91
N LYS A 256 3.27 -9.21 -10.38
CA LYS A 256 3.57 -8.48 -11.62
C LYS A 256 4.40 -9.32 -12.57
N GLU A 257 4.74 -10.53 -12.16
CA GLU A 257 5.34 -11.50 -13.07
C GLU A 257 5.34 -12.87 -12.40
N VAL A 258 5.34 -13.92 -13.23
CA VAL A 258 5.33 -15.31 -12.74
C VAL A 258 6.63 -16.03 -13.03
N VAL A 259 7.13 -16.80 -12.06
CA VAL A 259 8.20 -17.75 -12.31
C VAL A 259 7.63 -19.15 -12.05
N ALA A 260 7.56 -19.95 -13.12
CA ALA A 260 6.88 -21.24 -13.07
C ALA A 260 7.80 -22.39 -13.39
N ILE A 261 7.82 -23.40 -12.53
CA ILE A 261 8.54 -24.62 -12.80
C ILE A 261 8.07 -25.25 -14.11
N ASP A 262 9.02 -25.62 -14.94
CA ASP A 262 8.72 -26.14 -16.28
C ASP A 262 7.57 -27.15 -16.33
N ALA A 263 7.60 -28.14 -15.46
CA ALA A 263 6.65 -29.24 -15.50
C ALA A 263 5.19 -28.82 -15.36
N ILE A 264 4.94 -27.65 -14.74
CA ILE A 264 3.56 -27.22 -14.54
C ILE A 264 3.23 -25.92 -15.30
N ALA A 265 4.20 -25.39 -16.03
CA ALA A 265 4.02 -24.09 -16.67
C ALA A 265 2.92 -24.14 -17.74
N ASN A 266 2.88 -25.18 -18.57
CA ASN A 266 1.82 -25.23 -19.57
C ASN A 266 0.44 -25.38 -18.95
N GLU A 267 0.31 -26.25 -17.96
CA GLU A 267 -0.96 -26.44 -17.27
C GLU A 267 -1.43 -25.11 -16.68
N LEU A 268 -0.49 -24.36 -16.11
CA LEU A 268 -0.82 -23.11 -15.45
C LEU A 268 -1.35 -22.12 -16.45
N MET A 269 -0.60 -21.91 -17.52
CA MET A 269 -0.99 -20.95 -18.55
C MET A 269 -2.31 -21.35 -19.21
N ASN A 270 -2.51 -22.64 -19.40
CA ASN A 270 -3.75 -23.11 -20.00
C ASN A 270 -4.95 -22.78 -19.13
N TYR A 271 -4.84 -22.97 -17.81
CA TYR A 271 -5.92 -22.61 -16.90
C TYR A 271 -6.16 -21.09 -16.95
N MET A 272 -5.08 -20.34 -17.04
CA MET A 272 -5.19 -18.88 -17.09
C MET A 272 -6.02 -18.44 -18.31
N VAL A 273 -5.70 -19.00 -19.46
CA VAL A 273 -6.41 -18.69 -20.69
C VAL A 273 -7.82 -19.25 -20.65
N LYS A 274 -7.96 -20.53 -20.27
CA LYS A 274 -9.26 -21.20 -20.36
C LYS A 274 -10.26 -20.72 -19.31
N GLU A 275 -9.79 -20.43 -18.09
CA GLU A 275 -10.68 -20.16 -16.96
C GLU A 275 -10.56 -18.78 -16.33
N GLN A 276 -9.48 -18.05 -16.60
CA GLN A 276 -9.27 -16.81 -15.86
C GLN A 276 -9.22 -15.55 -16.73
N GLY A 277 -9.72 -15.65 -17.96
CA GLY A 277 -9.84 -14.46 -18.79
C GLY A 277 -8.52 -13.88 -19.25
N CYS A 278 -7.52 -14.73 -19.46
CA CYS A 278 -6.24 -14.26 -19.98
C CYS A 278 -6.15 -14.41 -21.50
N TYR A 279 -5.47 -13.44 -22.11
CA TYR A 279 -5.19 -13.45 -23.54
C TYR A 279 -3.69 -13.56 -23.77
N ALA A 280 -3.29 -14.61 -24.48
CA ALA A 280 -1.89 -14.87 -24.73
C ALA A 280 -1.41 -14.13 -25.97
N ILE A 281 -0.47 -13.21 -25.81
CA ILE A 281 0.02 -12.39 -26.93
C ILE A 281 1.26 -12.99 -27.58
N THR A 282 1.33 -12.90 -28.90
CA THR A 282 2.49 -13.36 -29.65
C THR A 282 3.70 -12.45 -29.52
N LYS A 283 4.84 -12.91 -30.02
CA LYS A 283 6.06 -12.08 -30.07
C LYS A 283 5.80 -10.72 -30.73
N GLU A 284 5.15 -10.74 -31.88
CA GLU A 284 4.85 -9.51 -32.62
C GLU A 284 4.03 -8.55 -31.76
N GLN A 285 3.02 -9.10 -31.08
CA GLN A 285 2.13 -8.31 -30.23
C GLN A 285 2.88 -7.79 -29.01
N GLN A 286 3.77 -8.61 -28.47
CA GLN A 286 4.64 -8.20 -27.36
C GLN A 286 5.48 -6.99 -27.74
N GLU A 287 6.02 -6.99 -28.96
CA GLU A 287 6.85 -5.89 -29.42
C GLU A 287 6.03 -4.62 -29.50
N LYS A 288 4.80 -4.74 -30.01
CA LYS A 288 3.95 -3.58 -30.16
C LYS A 288 3.52 -3.07 -28.78
N LEU A 289 3.21 -3.99 -27.86
CA LEU A 289 2.76 -3.58 -26.54
C LEU A 289 3.92 -2.90 -25.80
N THR A 290 5.13 -3.44 -25.95
CA THR A 290 6.31 -2.84 -25.30
C THR A 290 6.55 -1.43 -25.80
N ASN A 291 6.36 -1.26 -27.09
CA ASN A 291 6.60 0.02 -27.72
C ASN A 291 5.62 1.07 -27.20
N LEU A 292 4.40 0.65 -26.92
CA LEU A 292 3.37 1.53 -26.37
C LEU A 292 3.61 1.86 -24.89
N VAL A 293 3.80 0.83 -24.06
CA VAL A 293 3.73 1.04 -22.62
C VAL A 293 5.03 1.53 -22.00
N ILE A 294 6.16 1.34 -22.68
CA ILE A 294 7.43 1.93 -22.21
C ILE A 294 7.93 2.92 -23.25
N THR A 295 7.90 4.19 -22.87
CA THR A 295 8.16 5.30 -23.79
C THR A 295 9.60 5.76 -23.64
N PRO A 296 10.09 6.58 -24.59
CA PRO A 296 11.41 7.17 -24.40
C PRO A 296 11.54 7.89 -23.05
N LYS A 297 10.42 8.31 -22.46
CA LYS A 297 10.42 8.99 -21.17
C LYS A 297 10.00 8.08 -20.00
N GLY A 298 10.01 6.78 -20.21
CA GLY A 298 9.69 5.82 -19.15
C GLY A 298 8.28 5.28 -19.27
N LEU A 299 7.74 4.80 -18.15
CA LEU A 299 6.40 4.24 -18.12
C LEU A 299 5.39 5.21 -18.72
N ASN A 300 4.55 4.69 -19.62
CA ASN A 300 3.54 5.51 -20.26
C ASN A 300 2.40 5.75 -19.28
N ARG A 301 2.25 6.99 -18.83
CA ARG A 301 1.29 7.33 -17.81
C ARG A 301 -0.13 7.13 -18.29
N ASN A 302 -0.32 7.14 -19.60
CA ASN A 302 -1.65 6.91 -20.18
C ASN A 302 -2.02 5.43 -20.28
N CYS A 303 -1.15 4.54 -19.82
CA CYS A 303 -1.42 3.09 -19.80
C CYS A 303 -1.50 2.51 -18.39
N VAL A 304 -0.87 3.20 -17.43
CA VAL A 304 -0.86 2.72 -16.05
C VAL A 304 -2.29 2.56 -15.51
N GLY A 305 -2.59 1.40 -14.91
CA GLY A 305 -3.86 1.22 -14.27
C GLY A 305 -5.03 1.04 -15.22
N LYS A 306 -4.74 0.83 -16.51
CA LYS A 306 -5.79 0.54 -17.48
C LYS A 306 -6.08 -0.96 -17.56
N ASP A 307 -7.32 -1.33 -17.90
CA ASP A 307 -7.63 -2.76 -17.97
C ASP A 307 -7.08 -3.39 -19.26
N ALA A 308 -7.04 -4.72 -19.27
CA ALA A 308 -6.41 -5.46 -20.35
C ALA A 308 -7.05 -5.23 -21.69
N ARG A 309 -8.38 -5.22 -21.73
CA ARG A 309 -9.04 -5.03 -23.00
C ARG A 309 -8.71 -3.67 -23.61
N THR A 310 -8.56 -2.67 -22.75
CA THR A 310 -8.21 -1.34 -23.23
C THR A 310 -6.79 -1.33 -23.77
N LEU A 311 -5.86 -1.92 -23.03
CA LEU A 311 -4.48 -1.94 -23.49
C LEU A 311 -4.35 -2.69 -24.79
N LEU A 312 -5.09 -3.79 -24.93
CA LEU A 312 -5.04 -4.55 -26.17
C LEU A 312 -5.66 -3.74 -27.31
N GLY A 313 -6.75 -3.03 -27.03
CA GLY A 313 -7.38 -2.17 -28.01
C GLY A 313 -6.46 -1.06 -28.49
N MET A 314 -5.64 -0.54 -27.58
CA MET A 314 -4.74 0.55 -27.91
C MET A 314 -3.69 0.15 -28.94
N ILE A 315 -3.44 -1.14 -29.10
CA ILE A 315 -2.51 -1.58 -30.14
C ILE A 315 -3.27 -2.34 -31.22
N GLY A 316 -4.58 -2.12 -31.29
CA GLY A 316 -5.39 -2.62 -32.39
C GLY A 316 -5.77 -4.08 -32.31
N ILE A 317 -5.72 -4.65 -31.12
CA ILE A 317 -6.10 -6.04 -30.92
C ILE A 317 -7.46 -6.06 -30.27
N ASP A 318 -8.43 -6.52 -31.04
CA ASP A 318 -9.80 -6.59 -30.57
C ASP A 318 -9.99 -7.92 -29.86
N VAL A 319 -10.25 -7.86 -28.55
CA VAL A 319 -10.51 -9.08 -27.80
C VAL A 319 -11.86 -8.94 -27.14
N PRO A 320 -12.50 -10.07 -26.88
CA PRO A 320 -13.82 -10.06 -26.24
C PRO A 320 -13.71 -9.54 -24.82
N SER A 321 -14.84 -9.17 -24.23
CA SER A 321 -14.80 -8.51 -22.94
C SER A 321 -14.64 -9.50 -21.78
N ASN A 322 -14.57 -10.80 -22.05
CA ASN A 322 -14.21 -11.72 -20.96
C ASN A 322 -12.72 -11.61 -20.59
N ILE A 323 -11.93 -10.90 -21.41
CA ILE A 323 -10.48 -10.80 -21.19
C ILE A 323 -10.11 -9.73 -20.13
N ARG A 324 -9.36 -10.15 -19.10
CA ARG A 324 -8.96 -9.22 -18.06
C ARG A 324 -7.45 -9.20 -17.78
N CYS A 325 -6.70 -10.06 -18.44
CA CYS A 325 -5.26 -10.08 -18.27
C CYS A 325 -4.55 -10.48 -19.56
N ILE A 326 -3.39 -9.86 -19.78
CA ILE A 326 -2.49 -10.14 -20.91
C ILE A 326 -1.36 -11.02 -20.39
N ILE A 327 -1.13 -12.16 -21.01
CA ILE A 327 -0.03 -13.03 -20.60
C ILE A 327 0.83 -13.48 -21.77
N PHE A 328 2.05 -13.91 -21.46
CA PHE A 328 2.94 -14.51 -22.44
C PHE A 328 4.10 -15.16 -21.72
N GLU A 329 4.76 -16.09 -22.38
CA GLU A 329 6.00 -16.67 -21.86
C GLU A 329 7.20 -15.85 -22.36
N GLY A 330 8.13 -15.57 -21.46
CA GLY A 330 9.32 -14.81 -21.80
C GLY A 330 10.48 -14.96 -20.84
N GLU A 331 11.61 -14.37 -21.21
CA GLU A 331 12.79 -14.33 -20.35
C GLU A 331 12.62 -13.28 -19.26
N LYS A 332 13.34 -13.40 -18.14
CA LYS A 332 13.13 -12.49 -17.02
C LYS A 332 13.53 -11.05 -17.37
N GLU A 333 14.45 -10.89 -18.32
CA GLU A 333 14.90 -9.56 -18.69
C GLU A 333 13.97 -8.81 -19.66
N HIS A 334 12.96 -9.50 -20.18
CA HIS A 334 11.97 -8.82 -21.02
C HIS A 334 11.40 -7.60 -20.29
N PRO A 335 11.33 -6.44 -20.97
CA PRO A 335 10.93 -5.22 -20.26
C PRO A 335 9.51 -5.27 -19.63
N LEU A 336 8.58 -5.99 -20.24
CA LEU A 336 7.26 -6.16 -19.61
C LEU A 336 7.26 -7.10 -18.42
N ILE A 337 8.35 -7.86 -18.23
CA ILE A 337 8.51 -8.74 -17.06
C ILE A 337 9.42 -8.10 -15.99
N SER A 338 10.49 -7.44 -16.42
CA SER A 338 11.46 -6.88 -15.47
C SER A 338 11.01 -5.58 -14.83
N GLU A 339 10.11 -4.85 -15.47
CA GLU A 339 9.69 -3.54 -14.97
C GLU A 339 8.32 -3.58 -14.31
N GLU A 340 8.20 -2.80 -13.24
CA GLU A 340 6.95 -2.60 -12.54
C GLU A 340 6.06 -1.70 -13.40
N LEU A 341 5.04 -2.27 -14.04
CA LEU A 341 4.20 -1.51 -14.97
C LEU A 341 2.92 -0.98 -14.33
N MET A 342 2.43 -1.64 -13.28
CA MET A 342 1.11 -1.36 -12.74
C MET A 342 0.08 -1.44 -13.88
N MET A 343 0.18 -2.55 -14.61
CA MET A 343 -0.73 -2.88 -15.72
C MET A 343 -1.00 -4.37 -15.64
N PRO A 344 -2.21 -4.81 -16.06
CA PRO A 344 -2.54 -6.23 -16.03
C PRO A 344 -1.84 -6.96 -17.19
N ILE A 345 -0.52 -6.92 -17.12
CA ILE A 345 0.35 -7.56 -18.10
C ILE A 345 1.26 -8.47 -17.31
N LEU A 346 1.20 -9.76 -17.60
CA LEU A 346 1.85 -10.76 -16.75
C LEU A 346 2.64 -11.78 -17.58
N GLY A 347 3.96 -11.64 -17.55
CA GLY A 347 4.84 -12.59 -18.19
C GLY A 347 5.04 -13.80 -17.30
N ILE A 348 5.22 -14.96 -17.95
CA ILE A 348 5.58 -16.19 -17.29
C ILE A 348 6.99 -16.61 -17.70
N VAL A 349 7.85 -16.72 -16.68
CA VAL A 349 9.23 -17.12 -16.86
C VAL A 349 9.36 -18.58 -16.46
N ARG A 350 9.78 -19.41 -17.40
CA ARG A 350 9.94 -20.83 -17.13
C ARG A 350 11.23 -21.10 -16.39
N ALA A 351 11.17 -21.98 -15.39
CA ALA A 351 12.33 -22.36 -14.59
C ALA A 351 12.58 -23.85 -14.66
N LYS A 352 13.87 -24.22 -14.72
CA LYS A 352 14.32 -25.59 -14.90
C LYS A 352 14.32 -26.41 -13.62
N SER A 353 14.44 -25.72 -12.50
CA SER A 353 14.57 -26.36 -11.21
C SER A 353 14.13 -25.33 -10.17
N PHE A 354 13.96 -25.76 -8.92
CA PHE A 354 13.50 -24.81 -7.88
C PHE A 354 14.59 -23.80 -7.58
N ASP A 355 15.84 -24.25 -7.51
CA ASP A 355 16.92 -23.31 -7.26
C ASP A 355 16.99 -22.27 -8.38
N ASP A 356 16.81 -22.69 -9.64
CA ASP A 356 16.73 -21.76 -10.76
C ASP A 356 15.59 -20.75 -10.58
N ALA A 357 14.43 -21.26 -10.15
CA ALA A 357 13.23 -20.42 -10.00
C ALA A 357 13.44 -19.37 -8.92
N VAL A 358 14.08 -19.76 -7.81
CA VAL A 358 14.37 -18.82 -6.73
C VAL A 358 15.33 -17.74 -7.25
N GLU A 359 16.39 -18.13 -7.94
CA GLU A 359 17.31 -17.17 -8.53
CA GLU A 359 17.32 -17.17 -8.51
C GLU A 359 16.61 -16.16 -9.40
N LYS A 360 15.72 -16.65 -10.25
CA LYS A 360 15.00 -15.79 -11.20
C LYS A 360 14.12 -14.81 -10.44
N ALA A 361 13.39 -15.32 -9.44
CA ALA A 361 12.50 -14.48 -8.64
C ALA A 361 13.28 -13.43 -7.89
N VAL A 362 14.43 -13.80 -7.33
CA VAL A 362 15.24 -12.85 -6.59
C VAL A 362 15.70 -11.71 -7.52
N TRP A 363 16.16 -12.03 -8.72
CA TRP A 363 16.54 -10.98 -9.67
C TRP A 363 15.35 -10.07 -9.96
N LEU A 364 14.20 -10.68 -10.23
CA LEU A 364 13.03 -9.91 -10.62
C LEU A 364 12.53 -8.95 -9.53
N GLU A 365 12.76 -9.30 -8.27
CA GLU A 365 12.32 -8.44 -7.16
C GLU A 365 13.20 -7.19 -7.05
N HIS A 366 14.40 -7.24 -7.66
CA HIS A 366 15.32 -6.10 -7.75
C HIS A 366 15.76 -5.50 -6.40
N GLY A 367 15.83 -6.33 -5.38
CA GLY A 367 16.34 -5.88 -4.09
C GLY A 367 15.49 -4.82 -3.41
N ASN A 368 14.25 -4.69 -3.86
CA ASN A 368 13.30 -3.77 -3.22
C ASN A 368 12.93 -4.24 -1.80
N ARG A 369 13.01 -5.55 -1.60
CA ARG A 369 12.57 -6.24 -0.37
C ARG A 369 11.16 -5.81 0.00
N HIS A 370 10.30 -5.71 -1.01
CA HIS A 370 8.92 -5.25 -0.82
C HIS A 370 7.95 -6.45 -0.70
N SER A 371 7.54 -7.05 -1.81
CA SER A 371 6.59 -8.17 -1.81
C SER A 371 7.00 -9.27 -2.75
N ALA A 372 6.63 -10.49 -2.37
CA ALA A 372 6.84 -11.66 -3.23
C ALA A 372 5.83 -12.74 -2.84
N HIS A 373 5.57 -13.69 -3.73
CA HIS A 373 4.47 -14.63 -3.53
C HIS A 373 4.90 -16.01 -3.99
N ILE A 374 4.27 -17.04 -3.44
CA ILE A 374 4.56 -18.41 -3.88
C ILE A 374 3.33 -19.30 -3.77
N HIS A 375 3.19 -20.17 -4.75
CA HIS A 375 2.26 -21.28 -4.69
C HIS A 375 3.08 -22.56 -4.64
N SER A 376 2.97 -23.24 -3.49
CA SER A 376 3.71 -24.48 -3.19
C SER A 376 3.06 -25.07 -1.96
N LYS A 377 2.97 -26.39 -1.86
CA LYS A 377 2.44 -27.02 -0.64
C LYS A 377 3.56 -27.60 0.26
N ASN A 378 4.82 -27.41 -0.16
CA ASN A 378 5.97 -28.05 0.49
C ASN A 378 6.67 -27.08 1.46
N VAL A 379 6.77 -27.50 2.72
CA VAL A 379 7.28 -26.61 3.75
C VAL A 379 8.74 -26.22 3.50
N ASP A 380 9.54 -27.12 2.93
CA ASP A 380 10.95 -26.81 2.72
C ASP A 380 11.12 -25.79 1.57
N ARG A 381 10.37 -26.02 0.51
CA ARG A 381 10.37 -25.12 -0.65
C ARG A 381 9.95 -23.70 -0.23
N ILE A 382 8.90 -23.62 0.57
CA ILE A 382 8.42 -22.35 1.05
C ILE A 382 9.51 -21.65 1.85
N THR A 383 10.17 -22.38 2.74
CA THR A 383 11.19 -21.84 3.61
C THR A 383 12.40 -21.31 2.83
N THR A 384 12.87 -22.12 1.89
CA THR A 384 14.00 -21.72 1.02
C THR A 384 13.71 -20.40 0.30
N TYR A 385 12.54 -20.31 -0.32
CA TYR A 385 12.16 -19.10 -1.04
C TYR A 385 12.04 -17.90 -0.10
N ALA A 386 11.36 -18.12 1.03
CA ALA A 386 11.14 -17.04 1.99
C ALA A 386 12.45 -16.44 2.50
N LYS A 387 13.42 -17.30 2.80
CA LYS A 387 14.72 -16.84 3.28
C LYS A 387 15.47 -16.06 2.20
N ALA A 388 15.43 -16.56 0.98
CA ALA A 388 16.17 -15.94 -0.11
C ALA A 388 15.61 -14.60 -0.54
N ILE A 389 14.27 -14.47 -0.53
CA ILE A 389 13.65 -13.30 -1.15
C ILE A 389 13.53 -12.12 -0.14
N ASP A 390 13.47 -12.43 1.17
CA ASP A 390 13.70 -11.44 2.24
C ASP A 390 12.84 -10.19 2.11
N THR A 391 11.56 -10.37 1.82
CA THR A 391 10.66 -9.27 1.55
C THR A 391 9.83 -8.88 2.78
N ALA A 392 9.35 -7.64 2.79
CA ALA A 392 8.41 -7.19 3.84
C ALA A 392 7.14 -8.02 3.85
N ILE A 393 6.77 -8.50 2.67
CA ILE A 393 5.56 -9.30 2.48
C ILE A 393 5.88 -10.56 1.70
N LEU A 394 5.33 -11.67 2.18
CA LEU A 394 5.36 -12.93 1.46
C LEU A 394 4.00 -13.59 1.64
N VAL A 395 3.32 -13.90 0.53
CA VAL A 395 2.04 -14.61 0.56
C VAL A 395 2.21 -15.99 -0.06
N LYS A 396 1.68 -16.99 0.65
CA LYS A 396 1.74 -18.39 0.20
C LYS A 396 0.34 -18.89 -0.09
N ASN A 397 0.11 -19.32 -1.33
CA ASN A 397 -1.12 -20.00 -1.71
C ASN A 397 -2.37 -19.15 -1.57
N ALA A 398 -2.24 -17.89 -1.98
CA ALA A 398 -3.37 -16.96 -2.06
C ALA A 398 -2.99 -15.81 -2.97
N PRO A 399 -4.00 -15.02 -3.40
CA PRO A 399 -3.67 -13.77 -4.06
C PRO A 399 -2.91 -12.81 -3.17
N SER A 400 -2.14 -11.91 -3.80
CA SER A 400 -1.34 -10.93 -3.09
C SER A 400 -2.10 -10.15 -2.02
N TYR A 401 -3.39 -9.89 -2.27
CA TYR A 401 -4.11 -9.01 -1.38
C TYR A 401 -4.41 -9.66 -0.03
N ALA A 402 -4.19 -10.96 0.10
CA ALA A 402 -4.18 -11.58 1.43
C ALA A 402 -3.17 -10.94 2.39
N ALA A 403 -2.16 -10.24 1.86
CA ALA A 403 -1.15 -9.60 2.66
C ALA A 403 -1.64 -8.43 3.47
N ILE A 404 -2.76 -7.83 3.07
CA ILE A 404 -3.28 -6.68 3.79
C ILE A 404 -4.67 -6.97 4.33
N GLY A 405 -4.94 -8.25 4.59
CA GLY A 405 -6.12 -8.65 5.31
C GLY A 405 -7.35 -8.99 4.49
N PHE A 406 -7.19 -9.02 3.16
CA PHE A 406 -8.27 -9.42 2.26
CA PHE A 406 -8.26 -9.40 2.26
C PHE A 406 -8.14 -10.90 2.00
N GLY A 407 -8.75 -11.69 2.88
CA GLY A 407 -8.63 -13.14 2.81
C GLY A 407 -7.33 -13.70 3.37
N GLY A 408 -6.70 -12.96 4.29
CA GLY A 408 -5.57 -13.46 5.07
C GLY A 408 -5.63 -12.91 6.48
N GLU A 409 -5.01 -13.60 7.44
CA GLU A 409 -4.99 -13.10 8.80
C GLU A 409 -4.09 -11.87 8.86
N GLY A 410 -4.52 -10.88 9.62
CA GLY A 410 -3.74 -9.67 9.83
C GLY A 410 -4.44 -8.40 9.38
N PHE A 411 -3.91 -7.27 9.83
CA PHE A 411 -4.53 -5.99 9.58
C PHE A 411 -4.14 -5.41 8.23
N CYS A 412 -4.89 -4.38 7.82
CA CYS A 412 -4.68 -3.62 6.61
C CYS A 412 -3.75 -2.44 6.82
N THR A 413 -2.90 -2.20 5.82
CA THR A 413 -2.25 -0.92 5.65
C THR A 413 -2.16 -0.57 4.19
N PHE A 414 -1.93 0.72 3.89
CA PHE A 414 -1.61 1.17 2.55
C PHE A 414 -0.25 1.85 2.47
N THR A 415 0.51 1.73 3.55
CA THR A 415 1.85 2.27 3.63
C THR A 415 2.74 1.15 4.15
N ILE A 416 3.42 0.51 3.20
CA ILE A 416 4.33 -0.60 3.48
C ILE A 416 5.75 -0.11 3.40
N ALA A 417 6.39 0.04 4.55
CA ALA A 417 7.72 0.67 4.65
C ALA A 417 8.87 -0.26 4.31
N SER A 418 8.92 -0.63 3.03
CA SER A 418 9.95 -1.53 2.48
C SER A 418 11.38 -1.03 2.68
N ARG A 419 11.58 0.26 2.52
CA ARG A 419 12.93 0.77 2.51
C ARG A 419 13.49 0.94 3.92
N THR A 420 12.65 1.39 4.84
CA THR A 420 13.11 1.75 6.18
C THR A 420 12.82 0.69 7.24
N GLY A 421 12.09 -0.37 6.88
CA GLY A 421 12.00 -1.55 7.71
C GLY A 421 10.85 -1.68 8.67
N GLU A 422 9.96 -0.69 8.73
CA GLU A 422 8.85 -0.79 9.66
C GLU A 422 7.73 -1.70 9.14
N GLY A 423 7.86 -2.21 7.92
CA GLY A 423 6.86 -3.14 7.44
C GLY A 423 5.49 -2.52 7.20
N LEU A 424 4.44 -3.28 7.52
CA LEU A 424 3.09 -2.79 7.31
C LEU A 424 2.76 -1.81 8.43
N THR A 425 2.73 -0.53 8.11
CA THR A 425 2.62 0.49 9.15
C THR A 425 1.21 0.52 9.74
N SER A 426 1.15 0.90 11.02
CA SER A 426 -0.07 1.05 11.77
C SER A 426 0.18 2.09 12.87
N ALA A 427 -0.82 2.31 13.72
CA ALA A 427 -0.71 3.31 14.76
C ALA A 427 0.61 3.22 15.55
N SER A 428 0.99 2.03 15.97
CA SER A 428 2.20 1.86 16.78
C SER A 428 3.45 2.36 16.08
N THR A 429 3.47 2.31 14.75
CA THR A 429 4.62 2.77 13.98
C THR A 429 4.90 4.24 14.22
N PHE A 430 3.81 4.99 14.37
CA PHE A 430 3.88 6.44 14.40
C PHE A 430 3.90 7.00 15.83
N THR A 431 4.63 6.33 16.69
CA THR A 431 4.79 6.73 18.08
C THR A 431 6.24 6.64 18.52
N LYS A 432 6.53 7.40 19.57
CA LYS A 432 7.83 7.43 20.23
C LYS A 432 7.79 6.56 21.48
N ARG A 433 8.82 5.76 21.73
CA ARG A 433 8.83 4.85 22.86
C ARG A 433 9.34 5.61 24.10
N ARG A 434 8.65 5.39 25.21
CA ARG A 434 8.91 6.03 26.47
C ARG A 434 9.03 5.00 27.59
N ARG A 435 10.18 4.98 28.29
CA ARG A 435 10.39 4.08 29.43
C ARG A 435 10.17 4.90 30.70
N CYS A 436 9.41 4.33 31.63
CA CYS A 436 9.10 4.98 32.90
C CYS A 436 9.43 4.03 34.03
N VAL A 437 10.39 4.38 34.87
CA VAL A 437 10.92 3.52 35.90
C VAL A 437 10.46 3.99 37.25
N MET A 438 9.51 3.26 37.83
CA MET A 438 9.03 3.48 39.20
C MET A 438 9.88 2.65 40.15
N SER A 439 10.84 3.27 40.80
CA SER A 439 11.84 2.52 41.55
C SER A 439 11.32 2.08 42.91
N ASP A 440 11.46 0.78 43.18
CA ASP A 440 11.23 0.21 44.50
C ASP A 440 9.80 0.37 45.03
N SER A 441 8.85 0.47 44.11
CA SER A 441 7.44 0.41 44.45
C SER A 441 6.63 -0.09 43.26
N LEU A 442 5.39 -0.45 43.58
CA LEU A 442 4.35 -0.88 42.63
C LEU A 442 4.64 -2.22 41.92
N CYS A 443 5.47 -3.08 42.51
CA CYS A 443 5.41 -4.50 42.23
C CYS A 443 4.60 -5.11 43.36
N ILE A 444 3.41 -5.62 43.06
CA ILE A 444 2.52 -6.07 44.11
C ILE A 444 2.67 -7.55 44.48
N ARG A 445 3.58 -8.25 43.82
CA ARG A 445 3.68 -9.70 44.04
C ARG A 445 4.13 -10.05 45.46
S SO4 B . 14.03 -8.12 40.84
O1 SO4 B . 12.92 -8.73 41.59
O2 SO4 B . 15.27 -8.89 40.92
O3 SO4 B . 13.64 -7.99 39.41
O4 SO4 B . 14.31 -6.79 41.43
S SO4 C . 14.81 -29.32 -4.63
O1 SO4 C . 13.73 -29.28 -3.63
O2 SO4 C . 15.82 -30.28 -4.22
O3 SO4 C . 14.20 -29.73 -5.89
O4 SO4 C . 15.51 -28.05 -4.77
S SO4 D . 20.62 -4.28 39.71
O1 SO4 D . 20.51 -4.42 41.16
O2 SO4 D . 21.83 -3.49 39.43
O3 SO4 D . 20.72 -5.62 39.10
O4 SO4 D . 19.42 -3.62 39.18
S SO4 E . 4.75 -16.42 -31.64
O1 SO4 E . 4.43 -15.74 -30.40
O2 SO4 E . 6.06 -17.07 -31.50
O3 SO4 E . 3.74 -17.42 -31.94
O4 SO4 E . 4.80 -15.43 -32.72
S SO4 F . -3.56 -29.49 -10.08
O1 SO4 F . -2.39 -29.13 -9.29
O2 SO4 F . -3.02 -30.19 -11.25
O3 SO4 F . -4.36 -30.40 -9.28
O4 SO4 F . -4.41 -28.36 -10.45
PA NAD G . 5.23 8.69 -7.04
O1A NAD G . 6.53 8.30 -6.36
O2A NAD G . 5.31 9.19 -8.48
O5B NAD G . 4.43 9.76 -6.15
C5B NAD G . 4.09 9.59 -4.75
C4B NAD G . 4.10 10.92 -4.01
O4B NAD G . 5.45 11.40 -3.92
C3B NAD G . 3.31 12.01 -4.71
O3B NAD G . 2.63 12.80 -3.71
C2B NAD G . 4.35 12.77 -5.48
O2B NAD G . 3.98 14.12 -5.75
C1B NAD G . 5.50 12.71 -4.51
N9A NAD G . 6.86 12.82 -5.06
C8A NAD G . 7.37 12.15 -6.11
N7A NAD G . 8.68 12.45 -6.28
C5A NAD G . 9.01 13.33 -5.32
C6A NAD G . 10.24 14.07 -4.95
N6A NAD G . 11.38 13.92 -5.64
N1A NAD G . 10.14 14.88 -3.88
C2A NAD G . 9.02 15.05 -3.17
N3A NAD G . 7.86 14.43 -3.46
C4A NAD G . 7.82 13.57 -4.51
O3 NAD G . 4.27 7.40 -6.92
PN NAD G . 2.84 7.13 -7.65
O1N NAD G . 1.78 7.98 -6.99
O2N NAD G . 3.10 7.11 -9.16
O5D NAD G . 2.59 5.65 -7.07
C5D NAD G . 3.10 4.46 -7.69
C4D NAD G . 4.46 4.07 -7.10
O4D NAD G . 4.43 4.14 -5.67
C3D NAD G . 4.77 2.63 -7.45
O3D NAD G . 6.17 2.49 -7.63
C2D NAD G . 4.27 1.86 -6.23
O2D NAD G . 4.84 0.57 -6.09
C1D NAD G . 4.59 2.84 -5.10
N1N NAD G . 3.69 2.66 -3.97
C2N NAD G . 4.21 2.14 -2.85
C3N NAD G . 3.40 1.92 -1.73
C7N NAD G . 3.93 1.31 -0.45
O7N NAD G . 3.18 1.28 0.52
N7N NAD G . 5.16 0.78 -0.42
C4N NAD G . 2.05 2.25 -1.80
C5N NAD G . 1.53 2.82 -2.96
C6N NAD G . 2.39 3.03 -4.03
H51A NAD G . 4.82 8.92 -4.29
H52A NAD G . 3.10 9.13 -4.66
H4B NAD G . 3.68 10.77 -3.00
H3B NAD G . 2.59 11.56 -5.41
HO3A NAD G . 2.18 13.53 -4.14
H2B NAD G . 4.61 12.25 -6.40
HO2A NAD G . 3.23 14.14 -6.37
H1B NAD G . 5.36 13.48 -3.73
H8A NAD G . 6.80 11.46 -6.73
H61A NAD G . 12.20 14.43 -5.36
H62A NAD G . 11.41 13.30 -6.44
H2A NAD G . 9.04 15.74 -2.32
H51N NAD G . 2.39 3.65 -7.56
H52N NAD G . 3.21 4.64 -8.76
H4D NAD G . 5.25 4.72 -7.52
H3D NAD G . 4.21 2.32 -8.36
HO3N NAD G . 6.40 1.57 -7.81
H2D NAD G . 3.17 1.77 -6.30
HO2N NAD G . 4.65 0.04 -6.88
H1D NAD G . 5.63 2.70 -4.79
H2N NAD G . 5.25 1.85 -2.82
H71N NAD G . 5.74 0.81 -1.25
H72N NAD G . 5.51 0.36 0.42
H4N NAD G . 1.42 2.11 -0.94
H5N NAD G . 0.49 3.10 -3.02
H6N NAD G . 2.00 3.44 -4.95
#